data_4F7N
#
_entry.id   4F7N
#
_cell.length_a   72.157
_cell.length_b   71.760
_cell.length_c   180.362
_cell.angle_alpha   90.00
_cell.angle_beta   90.00
_cell.angle_gamma   90.00
#
_symmetry.space_group_name_H-M   'P 21 21 21'
#
loop_
_entity.id
_entity.type
_entity.pdbx_description
1 polymer 'Cyclin-dependent kinase 8'
2 polymer Cyclin-C
3 non-polymer 1-[3-tert-butyl-1-(4-methylphenyl)-1H-pyrazol-5-yl]-3-(5-hydroxypentyl)urea
4 non-polymer 1,2-ETHANEDIOL
5 water water
#
loop_
_entity_poly.entity_id
_entity_poly.type
_entity_poly.pdbx_seq_one_letter_code
_entity_poly.pdbx_strand_id
1 'polypeptide(L)'
;DKMDYDFKVKLSSERERVEDLFEYEGCKVGRGTYGHVYKAKRKDGKDDKDYALKQIEGTGISMSACREIALLRELKHPNV
ISLQKVFLSHADRKVWLLFDYAEHDLWHIIKFHRASKANKKPVQLPRGMVKSLLYQILDGIHYLHANWVLHRDLKPANIL
VMGEGPERGRVKIADMGFARLFNSPLKPLADLDPVVVTFWYRAPELLLGARHYTKAIDIWAIGCIFAELLTSEPIFHCRQ
EDIKTSNPYHHDQLDRIFNVMGFPADKDWEDIKKMPEHSTLMKDFRRNTYTNCSLIKYMEKHKVKPDSKAFHLLQKLLTM
DPIKRITSEQAMQDPYFLEDPLPTSDVFAGCQIPYPKREFLTEEEPDDKGDKKNQQQQQGNNHTNGTGHPGNQDSSHTQG
PPLKK
;
A
2 'polypeptide(L)'
;DDKAMAGNFWQSSHYLQWILDKQDLLKERQKDLKFLSEEEYWKLQIFFTNVIQALGEHLKLRQQVIATATVYFKRFYARY
SLKSIDPVLMAPTCVFLASKVEEFGVVSNTRLIAAATSVLKTRFSYAFPKEFPYRMNHILECEFYLLELMDCCLIVYHPY
RPLLQYVQDMGQEDMLLPLAWRIVNDTYRTDLCLLYPPFMIALACLHVACVVQQKDARQWFAELSVDMEKILEIIRVILK
LYEQWKNFDERKEMATILSKMPKPKPPPNSEGEQGPNGSQNSSYSQS
;
B
#
loop_
_chem_comp.id
_chem_comp.type
_chem_comp.name
_chem_comp.formula
0SV non-polymer 1-[3-tert-butyl-1-(4-methylphenyl)-1H-pyrazol-5-yl]-3-(5-hydroxypentyl)urea 'C20 H30 N4 O2'
EDO non-polymer 1,2-ETHANEDIOL 'C2 H6 O2'
#
# COMPACT_ATOMS: atom_id res chain seq x y z
N LYS A 2 -9.38 -6.55 29.60
CA LYS A 2 -10.86 -6.82 29.61
C LYS A 2 -11.38 -7.12 28.19
N MET A 3 -11.54 -8.42 27.92
CA MET A 3 -12.01 -8.94 26.64
C MET A 3 -12.95 -10.12 26.91
N ASP A 4 -14.13 -10.12 26.29
CA ASP A 4 -15.13 -11.18 26.49
C ASP A 4 -14.56 -12.56 26.15
N TYR A 5 -14.83 -13.52 27.01
CA TYR A 5 -14.26 -14.87 26.91
C TYR A 5 -14.86 -15.68 25.76
N ASP A 6 -16.19 -15.64 25.65
CA ASP A 6 -16.91 -16.34 24.58
C ASP A 6 -16.49 -15.85 23.18
N PHE A 7 -16.20 -14.56 23.08
CA PHE A 7 -15.63 -13.94 21.88
C PHE A 7 -14.20 -14.46 21.58
N LYS A 8 -13.37 -14.57 22.61
CA LYS A 8 -11.98 -14.99 22.46
C LYS A 8 -11.89 -16.45 21.98
N VAL A 9 -12.59 -17.35 22.67
CA VAL A 9 -12.57 -18.79 22.33
C VAL A 9 -13.23 -19.12 20.99
N LYS A 10 -14.29 -18.38 20.64
CA LYS A 10 -14.96 -18.52 19.35
C LYS A 10 -14.00 -18.26 18.20
N LEU A 11 -13.31 -17.13 18.26
CA LEU A 11 -12.33 -16.74 17.23
C LEU A 11 -11.14 -17.68 17.19
N SER A 12 -10.63 -18.02 18.36
CA SER A 12 -9.53 -18.97 18.49
C SER A 12 -9.87 -20.33 17.85
N SER A 13 -11.11 -20.79 18.07
CA SER A 13 -11.64 -22.01 17.45
C SER A 13 -11.73 -21.91 15.91
N GLU A 14 -12.31 -20.83 15.41
CA GLU A 14 -12.48 -20.64 13.94
C GLU A 14 -11.21 -20.20 13.20
N ARG A 15 -10.18 -19.74 13.91
CA ARG A 15 -9.00 -19.12 13.28
C ARG A 15 -8.10 -20.14 12.60
N GLU A 16 -7.82 -19.90 11.32
CA GLU A 16 -6.92 -20.74 10.53
C GLU A 16 -5.48 -20.47 10.91
N ARG A 17 -4.79 -21.53 11.34
CA ARG A 17 -3.37 -21.46 11.64
C ARG A 17 -2.60 -21.99 10.44
N VAL A 18 -1.45 -21.37 10.15
CA VAL A 18 -0.65 -21.72 8.97
C VAL A 18 -0.13 -23.17 9.00
N GLU A 19 0.29 -23.63 10.17
CA GLU A 19 0.80 -25.01 10.36
C GLU A 19 -0.26 -26.10 10.11
N ASP A 20 -1.53 -25.78 10.37
CA ASP A 20 -2.65 -26.69 10.16
C ASP A 20 -3.05 -26.82 8.68
N LEU A 21 -3.00 -25.71 7.96
CA LEU A 21 -3.39 -25.68 6.54
C LEU A 21 -2.29 -26.13 5.56
N PHE A 22 -1.01 -25.81 5.87
CA PHE A 22 0.11 -25.98 4.94
C PHE A 22 1.25 -26.87 5.44
N GLU A 23 1.82 -27.64 4.51
CA GLU A 23 3.06 -28.41 4.73
C GLU A 23 4.23 -27.59 4.19
N TYR A 24 5.20 -27.27 5.05
CA TYR A 24 6.37 -26.45 4.65
C TYR A 24 7.69 -26.71 5.40
N GLU A 25 7.71 -27.63 6.38
CA GLU A 25 8.94 -27.96 7.11
C GLU A 25 10.04 -28.46 6.15
N GLY A 26 11.18 -27.76 6.14
CA GLY A 26 12.30 -28.11 5.28
C GLY A 26 12.10 -27.80 3.80
N CYS A 27 11.34 -26.76 3.49
CA CYS A 27 11.07 -26.35 2.10
C CYS A 27 11.36 -24.86 1.88
N LYS A 28 12.40 -24.36 2.55
CA LYS A 28 12.74 -22.94 2.46
C LYS A 28 13.44 -22.68 1.12
N VAL A 29 12.94 -21.72 0.35
CA VAL A 29 13.50 -21.39 -0.98
C VAL A 29 14.21 -20.02 -1.06
N GLY A 30 13.85 -19.10 -0.15
CA GLY A 30 14.49 -17.79 -0.06
C GLY A 30 14.70 -17.35 1.38
N ARG A 31 15.85 -16.71 1.63
CA ARG A 31 16.16 -16.07 2.90
C ARG A 31 16.77 -14.70 2.60
N GLY A 32 16.38 -13.68 3.36
CA GLY A 32 16.92 -12.34 3.15
C GLY A 32 16.45 -11.34 4.20
N THR A 33 16.69 -10.06 3.93
CA THR A 33 16.36 -8.99 4.87
C THR A 33 14.86 -8.92 5.24
N TYR A 34 13.99 -9.28 4.31
CA TYR A 34 12.52 -9.29 4.54
C TYR A 34 11.96 -10.57 5.20
N GLY A 35 12.82 -11.57 5.43
CA GLY A 35 12.41 -12.81 6.10
C GLY A 35 12.56 -14.04 5.21
N HIS A 36 11.70 -15.03 5.46
CA HIS A 36 11.85 -16.38 4.91
C HIS A 36 10.71 -16.67 3.95
N VAL A 37 11.01 -17.37 2.85
CA VAL A 37 10.01 -17.79 1.86
C VAL A 37 10.05 -19.32 1.70
N TYR A 38 8.88 -19.96 1.78
CA TYR A 38 8.75 -21.43 1.67
C TYR A 38 7.90 -21.81 0.46
N LYS A 39 8.22 -22.95 -0.13
CA LYS A 39 7.36 -23.61 -1.12
C LYS A 39 6.46 -24.56 -0.32
N ALA A 40 5.15 -24.34 -0.37
CA ALA A 40 4.20 -25.00 0.52
C ALA A 40 3.11 -25.74 -0.25
N LYS A 41 2.63 -26.85 0.32
CA LYS A 41 1.51 -27.64 -0.22
C LYS A 41 0.36 -27.65 0.78
N ARG A 42 -0.86 -27.74 0.28
CA ARG A 42 -2.06 -27.83 1.13
C ARG A 42 -2.20 -29.23 1.73
N LYS A 43 -2.38 -29.31 3.04
CA LYS A 43 -2.51 -30.59 3.74
C LYS A 43 -3.82 -31.33 3.40
N ASP A 44 -4.93 -30.60 3.46
CA ASP A 44 -6.24 -31.11 2.98
C ASP A 44 -6.29 -30.99 1.44
N GLY A 45 -5.92 -32.08 0.77
CA GLY A 45 -5.54 -32.04 -0.66
C GLY A 45 -6.64 -31.79 -1.68
N LYS A 46 -7.18 -30.56 -1.68
CA LYS A 46 -8.12 -30.12 -2.72
C LYS A 46 -7.40 -29.84 -4.04
N ASP A 47 -6.19 -29.27 -3.95
CA ASP A 47 -5.28 -29.13 -5.10
C ASP A 47 -3.88 -29.66 -4.78
N ASP A 48 -3.08 -29.84 -5.83
CA ASP A 48 -1.65 -30.16 -5.71
C ASP A 48 -0.79 -28.96 -6.16
N LYS A 49 -1.36 -27.76 -6.14
CA LYS A 49 -0.65 -26.54 -6.56
C LYS A 49 0.33 -26.12 -5.47
N ASP A 50 1.46 -25.55 -5.90
CA ASP A 50 2.46 -25.00 -4.98
C ASP A 50 2.04 -23.61 -4.52
N TYR A 51 2.54 -23.21 -3.35
CA TYR A 51 2.31 -21.87 -2.82
C TYR A 51 3.58 -21.30 -2.24
N ALA A 52 3.79 -19.99 -2.44
CA ALA A 52 4.87 -19.27 -1.77
C ALA A 52 4.32 -18.79 -0.43
N LEU A 53 5.02 -19.14 0.65
CA LEU A 53 4.59 -18.82 2.01
C LEU A 53 5.72 -18.02 2.67
N LYS A 54 5.47 -16.74 2.95
CA LYS A 54 6.51 -15.84 3.49
C LYS A 54 6.28 -15.54 4.97
N GLN A 55 7.28 -15.82 5.80
CA GLN A 55 7.26 -15.37 7.20
C GLN A 55 8.01 -14.05 7.27
N ILE A 56 7.31 -13.00 7.69
CA ILE A 56 7.89 -11.67 7.76
C ILE A 56 8.91 -11.59 8.89
N GLU A 57 10.08 -11.04 8.58
CA GLU A 57 11.14 -10.83 9.57
C GLU A 57 10.66 -9.86 10.64
N GLY A 58 10.97 -10.19 11.90
CA GLY A 58 10.48 -9.46 13.07
C GLY A 58 9.23 -10.11 13.63
N THR A 59 8.57 -9.41 14.54
CA THR A 59 7.27 -9.83 15.10
C THR A 59 6.31 -8.65 15.13
N GLY A 60 5.03 -8.96 15.33
CA GLY A 60 3.99 -7.94 15.39
C GLY A 60 3.76 -7.29 14.05
N ILE A 61 3.25 -6.06 14.10
CA ILE A 61 2.87 -5.31 12.92
C ILE A 61 3.84 -4.14 12.84
N SER A 62 4.99 -4.37 12.23
CA SER A 62 6.00 -3.34 11.99
C SER A 62 5.56 -2.43 10.84
N MET A 63 6.32 -1.38 10.60
CA MET A 63 6.12 -0.54 9.41
C MET A 63 6.25 -1.35 8.12
N SER A 64 7.18 -2.29 8.09
CA SER A 64 7.37 -3.17 6.92
C SER A 64 6.18 -4.09 6.68
N ALA A 65 5.75 -4.79 7.72
CA ALA A 65 4.58 -5.67 7.62
C ALA A 65 3.33 -4.90 7.23
N CYS A 66 3.10 -3.76 7.90
CA CYS A 66 1.95 -2.89 7.64
C CYS A 66 1.88 -2.41 6.21
N ARG A 67 3.02 -1.96 5.67
CA ARG A 67 3.10 -1.47 4.30
C ARG A 67 2.84 -2.56 3.23
N GLU A 68 3.44 -3.74 3.44
CA GLU A 68 3.26 -4.89 2.54
C GLU A 68 1.78 -5.33 2.48
N ILE A 69 1.17 -5.42 3.65
CA ILE A 69 -0.21 -5.87 3.78
C ILE A 69 -1.16 -4.84 3.15
N ALA A 70 -0.97 -3.58 3.55
CA ALA A 70 -1.76 -2.45 3.03
C ALA A 70 -1.81 -2.39 1.51
N LEU A 71 -0.65 -2.46 0.86
CA LEU A 71 -0.58 -2.34 -0.60
C LEU A 71 -1.11 -3.58 -1.32
N LEU A 72 -0.49 -4.73 -1.06
CA LEU A 72 -0.82 -5.97 -1.79
C LEU A 72 -2.26 -6.46 -1.60
N ARG A 73 -2.90 -6.02 -0.51
CA ARG A 73 -4.33 -6.25 -0.31
C ARG A 73 -5.21 -5.52 -1.33
N GLU A 74 -4.70 -4.42 -1.90
CA GLU A 74 -5.42 -3.62 -2.90
C GLU A 74 -4.97 -3.90 -4.33
N LEU A 75 -3.72 -4.26 -4.53
CA LEU A 75 -3.18 -4.42 -5.90
C LEU A 75 -3.73 -5.67 -6.57
N LYS A 76 -4.06 -5.55 -7.86
CA LYS A 76 -4.63 -6.64 -8.64
C LYS A 76 -4.29 -6.43 -10.12
N HIS A 77 -3.28 -7.15 -10.59
CA HIS A 77 -2.84 -7.08 -11.99
C HIS A 77 -2.11 -8.39 -12.36
N PRO A 78 -2.34 -8.92 -13.58
CA PRO A 78 -1.68 -10.18 -13.98
C PRO A 78 -0.15 -10.24 -13.81
N ASN A 79 0.52 -9.10 -14.05
CA ASN A 79 1.99 -9.01 -13.97
C ASN A 79 2.58 -8.52 -12.63
N VAL A 80 1.76 -8.52 -11.57
CA VAL A 80 2.19 -8.14 -10.23
C VAL A 80 1.89 -9.32 -9.30
N ILE A 81 2.87 -9.71 -8.49
CA ILE A 81 2.71 -10.83 -7.57
C ILE A 81 1.53 -10.56 -6.62
N SER A 82 0.72 -11.59 -6.41
CA SER A 82 -0.60 -11.48 -5.77
C SER A 82 -0.65 -12.17 -4.39
N LEU A 83 -1.19 -11.44 -3.39
CA LEU A 83 -1.34 -11.94 -2.02
C LEU A 83 -2.68 -12.66 -1.89
N GLN A 84 -2.67 -13.87 -1.34
CA GLN A 84 -3.87 -14.72 -1.23
C GLN A 84 -4.48 -14.64 0.17
N LYS A 85 -3.64 -14.79 1.19
CA LYS A 85 -4.07 -14.84 2.59
C LYS A 85 -3.02 -14.23 3.51
N VAL A 86 -3.47 -13.73 4.65
CA VAL A 86 -2.62 -13.20 5.71
C VAL A 86 -2.91 -14.02 6.96
N PHE A 87 -1.87 -14.61 7.55
CA PHE A 87 -2.01 -15.40 8.78
C PHE A 87 -1.34 -14.65 9.91
N LEU A 88 -2.10 -14.41 10.98
CA LEU A 88 -1.58 -13.78 12.18
C LEU A 88 -1.51 -14.84 13.26
N SER A 89 -0.29 -15.23 13.62
CA SER A 89 -0.05 -16.24 14.65
C SER A 89 -0.02 -15.54 16.01
N HIS A 90 -0.99 -15.85 16.86
CA HIS A 90 -1.12 -15.20 18.18
C HIS A 90 -0.09 -15.68 19.23
N ALA A 91 0.31 -16.95 19.15
CA ALA A 91 1.30 -17.52 20.07
C ALA A 91 2.62 -16.73 20.09
N ASP A 92 3.20 -16.52 18.91
CA ASP A 92 4.53 -15.90 18.76
C ASP A 92 4.53 -14.49 18.10
N ARG A 93 3.34 -13.97 17.79
CA ARG A 93 3.18 -12.67 17.11
C ARG A 93 3.89 -12.56 15.74
N LYS A 94 4.02 -13.67 15.04
CA LYS A 94 4.60 -13.71 13.70
C LYS A 94 3.52 -13.50 12.66
N VAL A 95 3.89 -12.92 11.52
CA VAL A 95 2.97 -12.63 10.42
C VAL A 95 3.39 -13.44 9.20
N TRP A 96 2.48 -14.25 8.68
CA TRP A 96 2.72 -15.09 7.52
C TRP A 96 1.85 -14.65 6.35
N LEU A 97 2.46 -14.56 5.15
CA LEU A 97 1.76 -14.17 3.94
C LEU A 97 1.78 -15.29 2.90
N LEU A 98 0.61 -15.59 2.33
CA LEU A 98 0.47 -16.60 1.27
C LEU A 98 0.41 -15.93 -0.10
N PHE A 99 1.35 -16.29 -0.98
CA PHE A 99 1.44 -15.76 -2.36
C PHE A 99 1.34 -16.89 -3.39
N ASP A 100 1.24 -16.50 -4.66
CA ASP A 100 1.45 -17.43 -5.79
C ASP A 100 2.90 -17.86 -5.77
N TYR A 101 3.15 -19.12 -6.11
CA TYR A 101 4.50 -19.64 -6.25
C TYR A 101 5.01 -19.44 -7.68
N ALA A 102 6.11 -18.70 -7.82
CA ALA A 102 6.80 -18.51 -9.09
C ALA A 102 8.09 -19.32 -9.08
N GLU A 103 8.19 -20.30 -9.98
CA GLU A 103 9.33 -21.23 -10.02
C GLU A 103 10.66 -20.57 -10.48
N HIS A 104 10.57 -19.55 -11.33
CA HIS A 104 11.75 -18.92 -11.95
C HIS A 104 11.83 -17.40 -11.69
N ASP A 105 12.96 -16.82 -12.12
CA ASP A 105 13.14 -15.37 -12.11
C ASP A 105 14.28 -14.99 -13.03
N LEU A 106 14.39 -13.71 -13.37
CA LEU A 106 15.40 -13.26 -14.33
C LEU A 106 16.85 -13.44 -13.85
N TRP A 107 17.09 -13.40 -12.53
CA TRP A 107 18.43 -13.61 -12.00
C TRP A 107 18.95 -14.99 -12.40
N HIS A 108 18.14 -16.02 -12.16
CA HIS A 108 18.48 -17.41 -12.48
C HIS A 108 18.44 -17.73 -13.98
N ILE A 109 17.52 -17.09 -14.71
CA ILE A 109 17.41 -17.27 -16.17
C ILE A 109 18.61 -16.66 -16.91
N ILE A 110 19.00 -15.44 -16.55
CA ILE A 110 20.18 -14.80 -17.15
C ILE A 110 21.47 -15.55 -16.82
N LYS A 111 21.60 -15.99 -15.56
CA LYS A 111 22.74 -16.80 -15.09
C LYS A 111 22.90 -18.11 -15.87
N PHE A 112 21.77 -18.74 -16.19
CA PHE A 112 21.73 -19.97 -17.00
C PHE A 112 22.30 -19.75 -18.41
N HIS A 113 21.84 -18.69 -19.09
CA HIS A 113 22.32 -18.35 -20.43
C HIS A 113 23.75 -17.81 -20.47
N ARG A 114 24.11 -17.02 -19.45
CA ARG A 114 25.49 -16.51 -19.29
C ARG A 114 26.52 -17.64 -19.07
N ALA A 115 26.07 -18.79 -18.54
CA ALA A 115 26.92 -19.98 -18.35
C ALA A 115 27.36 -20.71 -19.65
N SER A 116 26.84 -20.31 -20.81
CA SER A 116 27.22 -20.90 -22.10
C SER A 116 28.65 -20.53 -22.51
N VAL A 123 25.01 -19.53 -26.01
CA VAL A 123 23.55 -19.49 -26.18
C VAL A 123 22.94 -18.32 -25.38
N GLN A 124 22.84 -17.14 -26.01
CA GLN A 124 22.15 -15.98 -25.41
C GLN A 124 20.64 -16.17 -25.47
N LEU A 125 19.91 -15.26 -24.81
CA LEU A 125 18.44 -15.37 -24.71
C LEU A 125 17.75 -15.22 -26.07
N PRO A 126 16.75 -16.09 -26.38
CA PRO A 126 15.92 -15.90 -27.60
C PRO A 126 15.25 -14.51 -27.67
N ARG A 127 15.18 -13.94 -28.87
CA ARG A 127 14.69 -12.57 -29.06
C ARG A 127 13.19 -12.37 -28.85
N GLY A 128 12.40 -13.38 -29.20
CA GLY A 128 10.98 -13.44 -28.80
C GLY A 128 10.79 -13.39 -27.29
N MET A 129 11.66 -14.06 -26.57
CA MET A 129 11.58 -14.12 -25.11
C MET A 129 11.92 -12.77 -24.46
N VAL A 130 12.95 -12.10 -24.99
CA VAL A 130 13.36 -10.78 -24.47
C VAL A 130 12.25 -9.73 -24.64
N LYS A 131 11.63 -9.69 -25.81
CA LYS A 131 10.53 -8.78 -26.11
C LYS A 131 9.31 -9.03 -25.22
N SER A 132 8.94 -10.29 -25.06
CA SER A 132 7.83 -10.67 -24.18
C SER A 132 8.08 -10.33 -22.72
N LEU A 133 9.31 -10.52 -22.25
CA LEU A 133 9.69 -10.16 -20.87
C LEU A 133 9.58 -8.65 -20.64
N LEU A 134 10.18 -7.87 -21.53
CA LEU A 134 10.15 -6.41 -21.41
C LEU A 134 8.72 -5.83 -21.46
N TYR A 135 7.86 -6.40 -22.33
CA TYR A 135 6.47 -5.93 -22.43
C TYR A 135 5.70 -6.14 -21.14
N GLN A 136 5.82 -7.35 -20.58
CA GLN A 136 5.14 -7.69 -19.33
C GLN A 136 5.67 -6.91 -18.13
N ILE A 137 6.98 -6.66 -18.08
CA ILE A 137 7.58 -5.84 -17.03
C ILE A 137 7.03 -4.43 -17.13
N LEU A 138 7.04 -3.85 -18.33
CA LEU A 138 6.45 -2.53 -18.58
C LEU A 138 4.95 -2.46 -18.23
N ASP A 139 4.23 -3.55 -18.46
CA ASP A 139 2.79 -3.61 -18.16
C ASP A 139 2.53 -3.56 -16.65
N GLY A 140 3.29 -4.33 -15.90
CA GLY A 140 3.18 -4.34 -14.44
C GLY A 140 3.54 -3.00 -13.78
N ILE A 141 4.61 -2.37 -14.28
CA ILE A 141 5.08 -1.12 -13.69
C ILE A 141 4.16 0.05 -14.07
N HIS A 142 3.59 0.01 -15.27
CA HIS A 142 2.58 0.98 -15.69
C HIS A 142 1.36 0.97 -14.78
N TYR A 143 0.92 -0.23 -14.38
CA TYR A 143 -0.18 -0.38 -13.42
C TYR A 143 0.17 0.18 -12.04
N LEU A 144 1.38 -0.10 -11.55
CA LEU A 144 1.83 0.39 -10.25
C LEU A 144 2.03 1.91 -10.25
N HIS A 145 2.67 2.42 -11.28
CA HIS A 145 2.86 3.86 -11.46
C HIS A 145 1.56 4.63 -11.62
N ALA A 146 0.58 4.03 -12.29
CA ALA A 146 -0.76 4.63 -12.41
C ALA A 146 -1.43 4.78 -11.04
N ASN A 147 -1.10 3.87 -10.13
CA ASN A 147 -1.60 3.89 -8.75
C ASN A 147 -0.64 4.58 -7.75
N TRP A 148 0.32 5.35 -8.27
CA TRP A 148 1.35 6.02 -7.47
C TRP A 148 2.12 5.10 -6.52
N VAL A 149 2.40 3.89 -6.99
CA VAL A 149 3.24 2.93 -6.28
C VAL A 149 4.54 2.81 -7.06
N LEU A 150 5.65 3.24 -6.44
CA LEU A 150 6.99 3.09 -7.01
C LEU A 150 7.59 1.80 -6.45
N HIS A 151 8.38 1.11 -7.28
CA HIS A 151 9.05 -0.12 -6.84
C HIS A 151 10.26 0.22 -5.99
N ARG A 152 11.15 1.04 -6.56
CA ARG A 152 12.38 1.54 -5.91
C ARG A 152 13.54 0.53 -5.80
N ASP A 153 13.40 -0.66 -6.40
CA ASP A 153 14.51 -1.64 -6.38
C ASP A 153 14.37 -2.70 -7.49
N LEU A 154 14.00 -2.25 -8.68
CA LEU A 154 13.89 -3.15 -9.82
C LEU A 154 15.27 -3.72 -10.19
N LYS A 155 15.31 -5.04 -10.34
CA LYS A 155 16.51 -5.78 -10.71
C LYS A 155 16.07 -7.21 -11.07
N PRO A 156 16.90 -7.96 -11.82
CA PRO A 156 16.51 -9.31 -12.25
C PRO A 156 15.93 -10.24 -11.16
N ALA A 157 16.47 -10.20 -9.95
CA ALA A 157 15.94 -11.02 -8.84
C ALA A 157 14.48 -10.72 -8.47
N ASN A 158 14.05 -9.48 -8.70
CA ASN A 158 12.65 -9.07 -8.43
C ASN A 158 11.68 -9.27 -9.60
N ILE A 159 12.19 -9.72 -10.75
CA ILE A 159 11.34 -10.11 -11.88
C ILE A 159 11.15 -11.62 -11.87
N LEU A 160 10.10 -12.07 -11.19
CA LEU A 160 9.72 -13.48 -11.15
C LEU A 160 9.01 -13.89 -12.44
N VAL A 161 9.10 -15.19 -12.75
CA VAL A 161 8.42 -15.78 -13.91
C VAL A 161 7.81 -17.11 -13.48
N MET A 162 6.55 -17.32 -13.83
CA MET A 162 5.83 -18.53 -13.41
C MET A 162 6.32 -19.76 -14.20
N GLY A 163 6.45 -20.89 -13.51
CA GLY A 163 6.77 -22.17 -14.13
C GLY A 163 5.51 -22.85 -14.68
N GLU A 164 5.54 -24.18 -14.77
CA GLU A 164 4.43 -24.96 -15.35
C GLU A 164 3.12 -24.79 -14.59
N GLY A 165 2.01 -24.85 -15.33
CA GLY A 165 0.68 -24.65 -14.78
C GLY A 165 -0.13 -23.68 -15.63
N PRO A 166 -1.29 -23.22 -15.10
CA PRO A 166 -2.19 -22.35 -15.88
C PRO A 166 -1.67 -20.95 -16.23
N GLU A 167 -0.65 -20.46 -15.52
CA GLU A 167 -0.01 -19.15 -15.81
C GLU A 167 1.41 -19.29 -16.38
N ARG A 168 1.71 -20.42 -17.02
CA ARG A 168 3.02 -20.74 -17.58
C ARG A 168 3.67 -19.55 -18.32
N GLY A 169 4.82 -19.10 -17.83
CA GLY A 169 5.60 -18.05 -18.48
C GLY A 169 5.12 -16.61 -18.29
N ARG A 170 4.17 -16.38 -17.40
CA ARG A 170 3.73 -15.01 -17.09
C ARG A 170 4.72 -14.38 -16.10
N VAL A 171 5.08 -13.12 -16.34
CA VAL A 171 5.97 -12.35 -15.45
C VAL A 171 5.19 -11.87 -14.24
N LYS A 172 5.82 -11.95 -13.06
CA LYS A 172 5.26 -11.39 -11.83
C LYS A 172 6.32 -10.47 -11.20
N ILE A 173 6.00 -9.18 -11.07
CA ILE A 173 6.89 -8.26 -10.36
C ILE A 173 6.73 -8.46 -8.85
N ALA A 174 7.86 -8.49 -8.13
CA ALA A 174 7.90 -8.73 -6.68
C ALA A 174 8.92 -7.82 -6.05
N ASP A 175 9.04 -7.87 -4.73
CA ASP A 175 10.11 -7.19 -3.98
C ASP A 175 10.65 -8.15 -2.92
N MET A 176 11.75 -8.81 -3.25
CA MET A 176 12.31 -9.90 -2.41
C MET A 176 13.24 -9.42 -1.30
N GLY A 177 13.89 -8.27 -1.49
CA GLY A 177 14.79 -7.69 -0.51
C GLY A 177 16.26 -7.94 -0.84
N PHE A 178 17.03 -8.30 0.18
CA PHE A 178 18.45 -8.68 0.04
C PHE A 178 18.70 -9.98 0.81
N VAL A 196 25.31 -7.91 0.10
CA VAL A 196 24.84 -8.39 -1.21
C VAL A 196 24.02 -7.29 -1.95
N VAL A 197 24.54 -6.06 -1.91
CA VAL A 197 23.88 -4.89 -2.51
C VAL A 197 24.71 -4.35 -3.68
N THR A 198 24.04 -4.08 -4.81
CA THR A 198 24.70 -3.53 -5.99
C THR A 198 23.98 -2.29 -6.49
N PHE A 199 24.77 -1.35 -7.02
CA PHE A 199 24.27 -0.11 -7.58
C PHE A 199 24.16 -0.16 -9.11
N TRP A 200 24.17 -1.38 -9.69
CA TRP A 200 24.18 -1.56 -11.15
C TRP A 200 22.89 -1.09 -11.82
N TYR A 201 21.78 -1.03 -11.06
CA TYR A 201 20.46 -0.66 -11.59
C TYR A 201 19.98 0.71 -11.09
N ARG A 202 20.86 1.45 -10.41
CA ARG A 202 20.55 2.76 -9.82
C ARG A 202 20.87 3.92 -10.77
N ALA A 203 19.82 4.66 -11.14
CA ALA A 203 19.93 5.84 -12.02
C ALA A 203 20.91 6.88 -11.46
N PRO A 204 21.58 7.63 -12.37
CA PRO A 204 22.65 8.55 -11.93
C PRO A 204 22.24 9.62 -10.90
N GLU A 205 21.01 10.11 -10.96
CA GLU A 205 20.55 11.12 -10.00
C GLU A 205 20.63 10.63 -8.55
N LEU A 206 20.30 9.36 -8.31
CA LEU A 206 20.45 8.73 -6.99
C LEU A 206 21.92 8.62 -6.59
N LEU A 207 22.78 8.34 -7.57
CA LEU A 207 24.23 8.33 -7.35
C LEU A 207 24.80 9.73 -7.12
N LEU A 208 24.10 10.78 -7.60
CA LEU A 208 24.49 12.17 -7.32
C LEU A 208 23.70 12.80 -6.16
N GLY A 209 23.01 11.97 -5.38
CA GLY A 209 22.37 12.40 -4.14
C GLY A 209 20.94 12.88 -4.24
N ALA A 210 20.18 12.39 -5.22
CA ALA A 210 18.77 12.72 -5.32
C ALA A 210 18.05 12.22 -4.07
N ARG A 211 17.24 13.09 -3.48
CA ARG A 211 16.60 12.82 -2.19
C ARG A 211 15.38 11.91 -2.30
N HIS A 212 14.68 11.92 -3.43
CA HIS A 212 13.40 11.25 -3.57
C HIS A 212 13.39 10.27 -4.74
N TYR A 213 12.71 9.15 -4.53
CA TYR A 213 12.45 8.17 -5.60
C TYR A 213 11.35 8.64 -6.54
N THR A 214 11.45 8.24 -7.81
CA THR A 214 10.58 8.72 -8.88
C THR A 214 10.23 7.62 -9.86
N LYS A 215 9.19 7.84 -10.65
CA LYS A 215 8.84 6.94 -11.76
C LYS A 215 10.02 6.76 -12.70
N ALA A 216 10.72 7.85 -13.01
CA ALA A 216 11.91 7.82 -13.88
C ALA A 216 12.99 6.86 -13.39
N ILE A 217 13.23 6.85 -12.07
CA ILE A 217 14.22 5.96 -11.46
C ILE A 217 13.92 4.48 -11.77
N ASP A 218 12.66 4.08 -11.64
CA ASP A 218 12.21 2.74 -12.03
C ASP A 218 12.49 2.44 -13.52
N ILE A 219 12.22 3.41 -14.39
CA ILE A 219 12.40 3.21 -15.84
C ILE A 219 13.86 2.96 -16.21
N TRP A 220 14.78 3.72 -15.61
CA TRP A 220 16.21 3.51 -15.79
C TRP A 220 16.61 2.06 -15.48
N ALA A 221 16.11 1.53 -14.35
CA ALA A 221 16.35 0.15 -13.95
C ALA A 221 15.81 -0.85 -14.98
N ILE A 222 14.65 -0.57 -15.56
CA ILE A 222 14.08 -1.40 -16.63
C ILE A 222 14.98 -1.36 -17.87
N GLY A 223 15.53 -0.19 -18.17
CA GLY A 223 16.53 -0.03 -19.24
C GLY A 223 17.79 -0.85 -19.01
N CYS A 224 18.23 -0.94 -17.75
CA CYS A 224 19.36 -1.80 -17.38
C CYS A 224 19.02 -3.28 -17.57
N ILE A 225 17.84 -3.69 -17.10
CA ILE A 225 17.37 -5.09 -17.26
C ILE A 225 17.26 -5.48 -18.74
N PHE A 226 16.78 -4.55 -19.56
CA PHE A 226 16.62 -4.79 -21.00
C PHE A 226 17.99 -4.96 -21.69
N ALA A 227 18.95 -4.10 -21.35
CA ALA A 227 20.33 -4.23 -21.83
C ALA A 227 20.94 -5.58 -21.44
N GLU A 228 20.67 -6.00 -20.21
CA GLU A 228 21.17 -7.28 -19.68
C GLU A 228 20.52 -8.48 -20.38
N LEU A 229 19.22 -8.42 -20.63
CA LEU A 229 18.52 -9.45 -21.43
C LEU A 229 19.05 -9.59 -22.86
N LEU A 230 19.49 -8.48 -23.46
CA LEU A 230 20.00 -8.48 -24.82
C LEU A 230 21.41 -9.05 -24.92
N THR A 231 22.29 -8.67 -23.99
CA THR A 231 23.72 -9.02 -24.04
C THR A 231 24.16 -10.13 -23.08
N SER A 232 23.33 -10.46 -22.09
CA SER A 232 23.60 -11.47 -21.03
C SER A 232 24.51 -11.01 -19.86
N GLU A 233 25.11 -9.81 -19.95
CA GLU A 233 25.90 -9.28 -18.84
C GLU A 233 25.33 -7.93 -18.38
N PRO A 234 25.54 -7.57 -17.09
CA PRO A 234 24.94 -6.34 -16.59
C PRO A 234 25.64 -5.12 -17.20
N ILE A 235 24.87 -4.22 -17.81
CA ILE A 235 25.43 -3.10 -18.57
C ILE A 235 26.34 -2.17 -17.73
N PHE A 236 26.00 -1.96 -16.46
CA PHE A 236 26.83 -1.13 -15.57
C PHE A 236 27.42 -1.95 -14.42
N HIS A 237 27.97 -3.12 -14.75
CA HIS A 237 28.70 -3.97 -13.79
C HIS A 237 29.89 -3.22 -13.19
N CYS A 238 30.11 -3.40 -11.89
CA CYS A 238 31.07 -2.62 -11.13
C CYS A 238 31.60 -3.44 -9.94
N ARG A 239 32.88 -3.33 -9.64
CA ARG A 239 33.49 -4.06 -8.49
C ARG A 239 32.99 -3.49 -7.15
N GLN A 240 33.02 -4.32 -6.12
CA GLN A 240 32.50 -3.94 -4.78
C GLN A 240 33.38 -2.91 -4.07
N GLU A 241 32.93 -1.64 -4.09
CA GLU A 241 33.66 -0.54 -3.44
C GLU A 241 33.43 -0.53 -1.93
N ASN A 247 26.76 6.62 2.24
CA ASN A 247 26.59 7.91 1.58
C ASN A 247 26.02 7.75 0.15
N PRO A 248 25.33 8.79 -0.37
CA PRO A 248 24.73 8.70 -1.71
C PRO A 248 25.73 8.64 -2.87
N TYR A 249 26.83 9.38 -2.76
CA TYR A 249 27.83 9.49 -3.85
C TYR A 249 28.67 8.22 -3.98
N HIS A 250 28.63 7.60 -5.16
CA HIS A 250 29.40 6.39 -5.46
C HIS A 250 30.19 6.58 -6.75
N HIS A 251 31.46 6.95 -6.60
CA HIS A 251 32.36 7.32 -7.70
C HIS A 251 32.51 6.22 -8.77
N ASP A 252 32.87 5.01 -8.32
CA ASP A 252 33.12 3.89 -9.23
C ASP A 252 31.89 3.52 -10.07
N GLN A 253 30.70 3.55 -9.48
CA GLN A 253 29.48 3.27 -10.22
C GLN A 253 29.17 4.32 -11.30
N LEU A 254 29.44 5.59 -11.00
CA LEU A 254 29.32 6.67 -12.00
C LEU A 254 30.34 6.53 -13.14
N ASP A 255 31.59 6.23 -12.79
CA ASP A 255 32.66 5.96 -13.75
C ASP A 255 32.27 4.90 -14.78
N ARG A 256 31.60 3.85 -14.31
CA ARG A 256 31.11 2.78 -15.19
C ARG A 256 29.99 3.25 -16.11
N ILE A 257 29.08 4.08 -15.60
CA ILE A 257 28.02 4.65 -16.42
C ILE A 257 28.61 5.55 -17.50
N PHE A 258 29.63 6.34 -17.14
CA PHE A 258 30.29 7.23 -18.10
C PHE A 258 31.12 6.48 -19.14
N ASN A 259 31.70 5.33 -18.76
CA ASN A 259 32.41 4.46 -19.72
C ASN A 259 31.50 3.90 -20.81
N VAL A 260 30.24 3.63 -20.45
CA VAL A 260 29.25 3.09 -21.38
C VAL A 260 28.57 4.23 -22.11
N MET A 261 27.94 5.13 -21.37
CA MET A 261 27.09 6.18 -21.94
C MET A 261 27.85 7.39 -22.49
N GLY A 262 29.05 7.63 -21.97
CA GLY A 262 29.74 8.91 -22.16
C GLY A 262 29.40 9.84 -21.01
N PHE A 263 30.15 10.93 -20.91
CA PHE A 263 29.91 11.97 -19.89
C PHE A 263 28.87 12.93 -20.45
N PRO A 264 27.83 13.29 -19.65
CA PRO A 264 26.73 14.08 -20.22
C PRO A 264 27.10 15.54 -20.51
N ALA A 265 26.69 16.05 -21.68
CA ALA A 265 26.82 17.47 -22.01
C ALA A 265 25.85 18.30 -21.14
N ASP A 266 26.12 19.60 -21.05
CA ASP A 266 25.21 20.52 -20.35
C ASP A 266 23.84 20.55 -21.02
N LYS A 267 23.84 20.56 -22.36
CA LYS A 267 22.61 20.43 -23.17
C LYS A 267 21.82 19.16 -22.86
N ASP A 268 22.50 18.03 -22.73
CA ASP A 268 21.86 16.72 -22.47
C ASP A 268 21.15 16.63 -21.11
N TRP A 269 21.62 17.38 -20.13
CA TRP A 269 21.07 17.35 -18.76
C TRP A 269 21.35 18.67 -18.02
N GLU A 270 20.52 19.68 -18.29
CA GLU A 270 20.71 21.04 -17.76
C GLU A 270 20.67 21.12 -16.23
N ASP A 271 19.76 20.37 -15.62
CA ASP A 271 19.57 20.39 -14.16
C ASP A 271 20.54 19.52 -13.34
N ILE A 272 21.52 18.89 -14.00
CA ILE A 272 22.61 18.20 -13.29
C ILE A 272 23.29 19.12 -12.24
N LYS A 273 23.35 20.42 -12.53
CA LYS A 273 23.83 21.46 -11.59
C LYS A 273 23.12 21.44 -10.23
N LYS A 274 21.81 21.20 -10.27
CA LYS A 274 20.99 21.21 -9.06
C LYS A 274 21.19 19.99 -8.15
N MET A 275 21.85 18.94 -8.65
CA MET A 275 22.13 17.74 -7.86
C MET A 275 23.08 18.10 -6.71
N PRO A 276 22.80 17.61 -5.48
CA PRO A 276 23.66 17.97 -4.33
C PRO A 276 25.14 17.64 -4.53
N GLU A 277 25.43 16.50 -5.17
CA GLU A 277 26.80 16.06 -5.40
C GLU A 277 27.47 16.62 -6.68
N HIS A 278 26.84 17.59 -7.34
CA HIS A 278 27.39 18.10 -8.61
C HIS A 278 28.82 18.64 -8.49
N SER A 279 29.12 19.33 -7.41
CA SER A 279 30.48 19.89 -7.19
C SER A 279 31.53 18.80 -6.97
N THR A 280 31.13 17.68 -6.35
CA THR A 280 32.00 16.52 -6.16
C THR A 280 32.26 15.84 -7.51
N LEU A 281 31.18 15.67 -8.29
CA LEU A 281 31.28 15.19 -9.68
C LEU A 281 32.33 16.00 -10.45
N MET A 282 32.24 17.32 -10.37
CA MET A 282 33.20 18.21 -11.04
C MET A 282 34.62 18.09 -10.48
N LYS A 283 34.77 17.88 -9.18
CA LYS A 283 36.09 17.69 -8.57
C LYS A 283 36.78 16.38 -9.04
N ASP A 284 36.00 15.31 -9.19
CA ASP A 284 36.55 13.97 -9.46
C ASP A 284 36.62 13.56 -10.95
N PHE A 285 35.76 14.15 -11.79
CA PHE A 285 35.65 13.74 -13.19
C PHE A 285 36.03 14.84 -14.19
N ARG A 286 36.52 14.39 -15.34
CA ARG A 286 36.79 15.25 -16.51
C ARG A 286 36.06 14.61 -17.71
N ARG A 287 35.27 15.41 -18.43
CA ARG A 287 34.53 14.88 -19.60
C ARG A 287 35.44 14.28 -20.68
N ASN A 288 36.60 14.90 -20.87
CA ASN A 288 37.65 14.44 -21.79
C ASN A 288 37.94 12.94 -21.71
N THR A 289 37.97 12.41 -20.48
CA THR A 289 38.21 11.00 -20.21
C THR A 289 37.31 10.04 -20.99
N TYR A 290 36.05 10.43 -21.18
CA TYR A 290 35.03 9.58 -21.81
C TYR A 290 34.65 10.06 -23.20
N THR A 291 35.60 10.66 -23.91
CA THR A 291 35.31 11.30 -25.20
C THR A 291 34.93 10.31 -26.33
N ASN A 292 35.46 9.09 -26.26
CA ASN A 292 35.15 8.05 -27.25
C ASN A 292 34.20 6.99 -26.67
N CYS A 293 33.26 7.41 -25.82
CA CYS A 293 32.29 6.53 -25.18
C CYS A 293 30.86 6.89 -25.59
N SER A 294 30.08 5.87 -25.94
CA SER A 294 28.67 6.04 -26.31
C SER A 294 27.94 4.71 -26.20
N LEU A 295 26.63 4.77 -25.93
CA LEU A 295 25.79 3.56 -25.89
C LEU A 295 25.79 2.77 -27.20
N ILE A 296 25.92 3.49 -28.33
CA ILE A 296 26.04 2.87 -29.65
C ILE A 296 27.27 1.98 -29.67
N LYS A 297 28.43 2.56 -29.34
CA LYS A 297 29.71 1.83 -29.29
C LYS A 297 29.68 0.64 -28.32
N TYR A 298 28.99 0.76 -27.19
CA TYR A 298 28.89 -0.34 -26.23
C TYR A 298 28.10 -1.51 -26.82
N MET A 299 26.91 -1.22 -27.33
CA MET A 299 26.00 -2.25 -27.84
C MET A 299 26.46 -2.90 -29.17
N GLU A 300 27.22 -2.17 -29.99
CA GLU A 300 27.85 -2.76 -31.19
C GLU A 300 28.81 -3.90 -30.82
N LYS A 301 29.59 -3.70 -29.75
CA LYS A 301 30.51 -4.72 -29.24
C LYS A 301 29.79 -6.00 -28.80
N HIS A 302 28.54 -5.88 -28.35
CA HIS A 302 27.72 -7.03 -27.97
C HIS A 302 26.74 -7.47 -29.06
N LYS A 303 27.04 -7.13 -30.32
CA LYS A 303 26.31 -7.61 -31.52
C LYS A 303 24.83 -7.24 -31.57
N VAL A 304 24.50 -6.06 -31.05
CA VAL A 304 23.16 -5.47 -31.13
C VAL A 304 23.27 -4.26 -32.07
N LYS A 305 22.50 -4.26 -33.15
CA LYS A 305 22.65 -3.24 -34.21
C LYS A 305 22.08 -1.88 -33.77
N PRO A 306 22.83 -0.79 -33.98
CA PRO A 306 22.38 0.53 -33.52
C PRO A 306 21.15 1.12 -34.24
N ASP A 307 20.81 0.62 -35.41
CA ASP A 307 19.59 1.05 -36.12
C ASP A 307 18.40 0.09 -35.98
N SER A 308 18.48 -0.87 -35.05
CA SER A 308 17.34 -1.75 -34.73
C SER A 308 16.34 -1.03 -33.83
N LYS A 309 15.08 -1.43 -33.90
CA LYS A 309 14.03 -0.85 -33.06
C LYS A 309 14.23 -1.13 -31.56
N ALA A 310 14.89 -2.25 -31.25
CA ALA A 310 15.27 -2.60 -29.88
C ALA A 310 16.22 -1.58 -29.27
N PHE A 311 17.24 -1.19 -30.04
CA PHE A 311 18.24 -0.23 -29.57
C PHE A 311 17.64 1.16 -29.36
N HIS A 312 16.85 1.61 -30.32
CA HIS A 312 16.19 2.92 -30.22
C HIS A 312 15.25 3.00 -29.02
N LEU A 313 14.64 1.88 -28.64
CA LEU A 313 13.84 1.80 -27.41
C LEU A 313 14.73 1.88 -26.17
N LEU A 314 15.80 1.07 -26.15
CA LEU A 314 16.77 1.04 -25.04
C LEU A 314 17.33 2.44 -24.75
N GLN A 315 17.76 3.14 -25.80
CA GLN A 315 18.28 4.49 -25.69
C GLN A 315 17.35 5.48 -24.97
N LYS A 316 16.04 5.35 -25.22
CA LYS A 316 15.04 6.22 -24.61
C LYS A 316 14.83 5.90 -23.13
N LEU A 317 14.92 4.61 -22.77
CA LEU A 317 14.91 4.18 -21.38
C LEU A 317 16.18 4.65 -20.65
N LEU A 318 17.35 4.39 -21.25
CA LEU A 318 18.66 4.80 -20.72
C LEU A 318 19.06 6.19 -21.19
N THR A 319 18.30 7.19 -20.73
CA THR A 319 18.58 8.59 -20.96
C THR A 319 19.00 9.12 -19.60
N MET A 320 20.04 9.95 -19.59
CA MET A 320 20.68 10.35 -18.32
C MET A 320 19.80 11.33 -17.54
N ASP A 321 19.26 12.33 -18.25
CA ASP A 321 18.35 13.31 -17.64
C ASP A 321 17.01 12.62 -17.37
N PRO A 322 16.60 12.51 -16.08
CA PRO A 322 15.34 11.83 -15.76
C PRO A 322 14.07 12.44 -16.36
N ILE A 323 14.04 13.75 -16.58
CA ILE A 323 12.89 14.36 -17.29
C ILE A 323 12.87 14.05 -18.80
N LYS A 324 13.97 13.54 -19.34
CA LYS A 324 14.06 13.15 -20.75
C LYS A 324 13.94 11.64 -20.99
N ARG A 325 13.61 10.87 -19.96
CA ARG A 325 13.30 9.44 -20.11
C ARG A 325 11.83 9.26 -20.43
N ILE A 326 11.51 8.31 -21.31
CA ILE A 326 10.11 8.00 -21.58
C ILE A 326 9.43 7.27 -20.42
N THR A 327 8.10 7.30 -20.43
CA THR A 327 7.30 6.65 -19.42
C THR A 327 6.99 5.21 -19.86
N SER A 328 6.55 4.41 -18.90
CA SER A 328 6.22 3.00 -19.15
C SER A 328 5.09 2.83 -20.18
N GLU A 329 4.08 3.70 -20.11
CA GLU A 329 3.01 3.76 -21.13
C GLU A 329 3.56 4.07 -22.52
N GLN A 330 4.46 5.05 -22.62
CA GLN A 330 5.11 5.39 -23.88
C GLN A 330 6.01 4.27 -24.42
N ALA A 331 6.73 3.59 -23.52
CA ALA A 331 7.57 2.45 -23.90
C ALA A 331 6.73 1.30 -24.47
N MET A 332 5.58 1.03 -23.84
CA MET A 332 4.64 -0.01 -24.31
C MET A 332 4.09 0.24 -25.71
N GLN A 333 4.01 1.50 -26.10
CA GLN A 333 3.54 1.89 -27.43
C GLN A 333 4.65 1.98 -28.49
N ASP A 334 5.89 1.61 -28.14
CA ASP A 334 7.00 1.68 -29.11
C ASP A 334 6.76 0.71 -30.27
N PRO A 335 7.12 1.10 -31.52
CA PRO A 335 6.99 0.15 -32.65
C PRO A 335 7.80 -1.17 -32.54
N TYR A 336 8.79 -1.23 -31.64
CA TYR A 336 9.45 -2.50 -31.27
C TYR A 336 8.45 -3.65 -31.07
N PHE A 337 7.38 -3.37 -30.32
CA PHE A 337 6.35 -4.38 -29.98
C PHE A 337 5.31 -4.63 -31.08
N LEU A 338 5.42 -3.92 -32.21
CA LEU A 338 4.68 -4.23 -33.44
C LEU A 338 5.53 -4.89 -34.52
N GLU A 339 6.84 -5.01 -34.26
CA GLU A 339 7.77 -5.67 -35.15
C GLU A 339 7.66 -7.19 -34.95
N ASP A 340 8.02 -7.93 -35.98
CA ASP A 340 8.04 -9.40 -35.90
C ASP A 340 9.25 -9.83 -35.05
N PRO A 341 9.05 -10.71 -34.04
CA PRO A 341 7.83 -11.36 -33.53
C PRO A 341 7.13 -10.52 -32.48
N LEU A 342 5.82 -10.68 -32.38
CA LEU A 342 5.04 -10.00 -31.34
C LEU A 342 5.24 -10.67 -30.00
N PRO A 343 5.14 -9.90 -28.90
CA PRO A 343 5.27 -10.51 -27.58
C PRO A 343 4.12 -11.45 -27.28
N THR A 344 4.39 -12.47 -26.47
CA THR A 344 3.42 -13.51 -26.09
C THR A 344 3.16 -13.45 -24.59
N SER A 345 1.99 -13.95 -24.16
CA SER A 345 1.64 -14.07 -22.75
C SER A 345 2.56 -15.05 -22.05
N ASP A 346 2.69 -16.23 -22.66
CA ASP A 346 3.68 -17.22 -22.29
C ASP A 346 5.01 -16.74 -22.88
N VAL A 347 5.90 -16.30 -21.99
CA VAL A 347 7.25 -15.84 -22.37
C VAL A 347 8.07 -16.95 -23.05
N PHE A 348 7.82 -18.20 -22.65
CA PHE A 348 8.48 -19.37 -23.25
C PHE A 348 7.84 -19.83 -24.57
N ALA A 349 6.67 -19.29 -24.92
CA ALA A 349 6.01 -19.50 -26.23
C ALA A 349 5.80 -20.96 -26.62
N GLY A 350 5.41 -21.79 -25.65
CA GLY A 350 5.19 -23.23 -25.86
C GLY A 350 6.42 -24.13 -25.86
N CYS A 351 7.62 -23.53 -25.80
CA CYS A 351 8.89 -24.30 -25.80
C CYS A 351 9.18 -24.88 -24.44
N GLN A 352 9.79 -26.06 -24.41
CA GLN A 352 10.16 -26.74 -23.15
C GLN A 352 11.06 -25.83 -22.31
N ILE A 353 10.70 -25.66 -21.03
CA ILE A 353 11.44 -24.81 -20.09
C ILE A 353 12.76 -25.51 -19.71
N PRO A 354 13.92 -24.98 -20.17
CA PRO A 354 15.17 -25.67 -19.83
C PRO A 354 15.71 -25.36 -18.42
N TYR A 355 15.14 -24.38 -17.73
CA TYR A 355 15.73 -23.84 -16.49
C TYR A 355 15.34 -24.71 -15.30
N PRO A 356 16.30 -24.99 -14.39
CA PRO A 356 16.00 -25.84 -13.25
C PRO A 356 15.08 -25.20 -12.20
N LYS A 357 14.42 -26.06 -11.42
CA LYS A 357 13.55 -25.64 -10.33
C LYS A 357 14.38 -25.13 -9.14
N ARG A 358 13.69 -24.53 -8.18
CA ARG A 358 14.32 -23.94 -6.99
C ARG A 358 14.85 -25.00 -6.04
N GLU A 359 16.13 -24.89 -5.68
CA GLU A 359 16.73 -25.76 -4.66
C GLU A 359 16.31 -25.26 -3.27
N PHE A 360 16.12 -26.19 -2.34
CA PHE A 360 15.76 -25.84 -0.96
C PHE A 360 17.00 -25.40 -0.17
N LEU A 361 16.79 -24.51 0.80
CA LEU A 361 17.85 -24.03 1.69
C LEU A 361 17.78 -24.78 3.02
N THR A 362 18.92 -24.86 3.71
CA THR A 362 19.02 -25.52 5.01
C THR A 362 20.12 -24.85 5.85
N GLU A 363 19.73 -24.22 6.95
CA GLU A 363 20.66 -23.56 7.88
C GLU A 363 20.26 -23.79 9.33
N ASP B 2 1.28 12.16 -5.79
CA ASP B 2 -0.03 11.80 -5.16
C ASP B 2 0.09 10.53 -4.30
N LYS B 3 -0.89 10.29 -3.44
CA LYS B 3 -0.87 9.13 -2.52
C LYS B 3 -1.09 7.81 -3.25
N ALA B 4 -0.59 6.73 -2.66
CA ALA B 4 -0.74 5.39 -3.20
C ALA B 4 -2.21 4.98 -3.26
N MET B 5 -2.62 4.42 -4.41
CA MET B 5 -3.99 3.98 -4.69
C MET B 5 -5.03 5.11 -4.81
N ALA B 6 -4.58 6.33 -5.13
CA ALA B 6 -5.46 7.52 -5.17
C ALA B 6 -6.73 7.33 -6.02
N GLY B 7 -6.57 6.84 -7.24
CA GLY B 7 -7.68 6.73 -8.19
C GLY B 7 -8.34 5.37 -8.29
N ASN B 8 -8.19 4.54 -7.26
CA ASN B 8 -8.56 3.12 -7.30
C ASN B 8 -9.80 2.73 -6.49
N PHE B 9 -10.55 3.70 -5.99
CA PHE B 9 -11.72 3.44 -5.13
C PHE B 9 -12.66 2.36 -5.66
N TRP B 10 -12.94 2.38 -6.96
CA TRP B 10 -13.90 1.43 -7.56
C TRP B 10 -13.38 -0.01 -7.66
N GLN B 11 -12.07 -0.22 -7.49
CA GLN B 11 -11.50 -1.57 -7.39
C GLN B 11 -10.90 -1.82 -5.99
N SER B 12 -11.18 -0.91 -5.05
CA SER B 12 -10.60 -0.97 -3.71
C SER B 12 -11.38 -1.91 -2.78
N SER B 13 -10.72 -2.37 -1.72
CA SER B 13 -11.34 -3.19 -0.69
C SER B 13 -12.36 -2.40 0.15
N HIS B 14 -12.13 -1.10 0.30
CA HIS B 14 -13.12 -0.18 0.90
C HIS B 14 -14.47 -0.36 0.20
N TYR B 15 -14.49 -0.23 -1.12
CA TYR B 15 -15.72 -0.26 -1.90
C TYR B 15 -16.34 -1.66 -2.00
N LEU B 16 -15.52 -2.65 -2.33
CA LEU B 16 -16.00 -4.03 -2.56
C LEU B 16 -16.37 -4.80 -1.29
N GLN B 17 -15.81 -4.42 -0.14
CA GLN B 17 -16.05 -5.11 1.13
C GLN B 17 -16.65 -4.25 2.26
N TRP B 18 -16.30 -2.97 2.34
CA TRP B 18 -16.66 -2.15 3.51
C TRP B 18 -17.65 -1.00 3.26
N ILE B 19 -18.39 -1.07 2.14
CA ILE B 19 -19.63 -0.30 1.97
C ILE B 19 -20.76 -1.28 2.27
N LEU B 20 -21.33 -1.18 3.48
CA LEU B 20 -22.27 -2.16 4.02
C LEU B 20 -23.72 -1.82 3.69
N ASP B 21 -24.58 -2.84 3.80
CA ASP B 21 -26.02 -2.67 3.70
C ASP B 21 -26.57 -2.21 5.05
N LYS B 22 -27.44 -1.21 5.01
CA LYS B 22 -27.97 -0.57 6.22
C LYS B 22 -28.73 -1.55 7.11
N GLN B 23 -29.48 -2.47 6.49
CA GLN B 23 -30.31 -3.41 7.25
C GLN B 23 -29.49 -4.50 7.94
N ASP B 24 -28.39 -4.93 7.32
CA ASP B 24 -27.45 -5.86 7.98
C ASP B 24 -26.75 -5.20 9.18
N LEU B 25 -26.39 -3.93 9.02
CA LEU B 25 -25.80 -3.13 10.10
C LEU B 25 -26.76 -3.04 11.30
N LEU B 26 -28.04 -2.77 11.01
CA LEU B 26 -29.07 -2.67 12.06
C LEU B 26 -29.45 -4.03 12.67
N LYS B 27 -29.39 -5.10 11.89
CA LYS B 27 -29.63 -6.46 12.41
C LYS B 27 -28.56 -6.87 13.43
N GLU B 28 -27.28 -6.66 13.08
CA GLU B 28 -26.15 -6.95 14.00
C GLU B 28 -26.13 -6.07 15.25
N ARG B 29 -26.71 -4.87 15.15
CA ARG B 29 -26.80 -3.94 16.28
C ARG B 29 -27.78 -4.38 17.38
N GLN B 30 -28.78 -5.19 17.01
CA GLN B 30 -29.81 -5.64 17.96
C GLN B 30 -29.28 -6.38 19.21
N LYS B 31 -28.09 -6.98 19.12
CA LYS B 31 -27.41 -7.56 20.29
C LYS B 31 -27.22 -6.52 21.39
N ASP B 32 -26.62 -5.39 21.02
CA ASP B 32 -26.37 -4.29 21.96
C ASP B 32 -27.62 -3.51 22.36
N LEU B 33 -28.68 -3.57 21.55
CA LEU B 33 -29.92 -2.84 21.84
C LEU B 33 -30.84 -3.50 22.88
N LYS B 34 -30.45 -4.66 23.39
CA LYS B 34 -31.09 -5.22 24.59
C LYS B 34 -30.74 -4.37 25.83
N PHE B 35 -29.51 -3.85 25.85
CA PHE B 35 -28.96 -3.11 26.99
C PHE B 35 -29.17 -1.60 26.85
N LEU B 36 -28.78 -1.08 25.68
CA LEU B 36 -28.91 0.33 25.34
C LEU B 36 -30.14 0.56 24.47
N SER B 37 -30.67 1.79 24.48
CA SER B 37 -31.68 2.19 23.50
C SER B 37 -30.98 2.61 22.21
N GLU B 38 -31.76 2.79 21.14
CA GLU B 38 -31.23 3.32 19.88
C GLU B 38 -30.58 4.68 20.09
N GLU B 39 -31.21 5.52 20.92
CA GLU B 39 -30.72 6.86 21.25
C GLU B 39 -29.37 6.81 21.97
N GLU B 40 -29.33 6.02 23.05
CA GLU B 40 -28.09 5.80 23.81
C GLU B 40 -26.97 5.19 22.96
N TYR B 41 -27.34 4.35 21.98
CA TYR B 41 -26.36 3.77 21.07
C TYR B 41 -25.68 4.82 20.19
N TRP B 42 -26.46 5.74 19.58
CA TRP B 42 -25.83 6.82 18.78
C TRP B 42 -25.07 7.85 19.63
N LYS B 43 -25.51 8.08 20.87
CA LYS B 43 -24.77 8.93 21.80
C LYS B 43 -23.37 8.38 22.12
N LEU B 44 -23.25 7.06 22.27
CA LEU B 44 -21.95 6.40 22.39
C LEU B 44 -21.08 6.56 21.15
N GLN B 45 -21.68 6.47 19.97
CA GLN B 45 -20.95 6.69 18.70
C GLN B 45 -20.29 8.08 18.69
N ILE B 46 -21.06 9.09 19.08
CA ILE B 46 -20.56 10.46 19.17
C ILE B 46 -19.40 10.55 20.16
N PHE B 47 -19.63 10.03 21.37
CA PHE B 47 -18.64 10.07 22.45
C PHE B 47 -17.28 9.54 22.00
N PHE B 48 -17.26 8.33 21.45
CA PHE B 48 -16.01 7.69 21.02
C PHE B 48 -15.38 8.33 19.79
N THR B 49 -16.19 8.97 18.95
CA THR B 49 -15.67 9.79 17.86
C THR B 49 -14.89 10.97 18.46
N ASN B 50 -15.46 11.61 19.48
CA ASN B 50 -14.77 12.68 20.23
C ASN B 50 -13.46 12.22 20.91
N VAL B 51 -13.47 11.00 21.47
CA VAL B 51 -12.28 10.44 22.12
C VAL B 51 -11.14 10.25 21.12
N ILE B 52 -11.45 9.68 19.97
CA ILE B 52 -10.42 9.47 18.93
C ILE B 52 -9.89 10.80 18.40
N GLN B 53 -10.77 11.80 18.21
CA GLN B 53 -10.33 13.14 17.81
C GLN B 53 -9.32 13.72 18.81
N ALA B 54 -9.63 13.63 20.11
CA ALA B 54 -8.77 14.17 21.16
C ALA B 54 -7.44 13.43 21.31
N LEU B 55 -7.48 12.11 21.17
CA LEU B 55 -6.25 11.31 21.10
C LEU B 55 -5.34 11.75 19.95
N GLY B 56 -5.95 11.92 18.78
CA GLY B 56 -5.23 12.40 17.58
C GLY B 56 -4.64 13.80 17.73
N GLU B 57 -5.38 14.70 18.36
CA GLU B 57 -4.91 16.06 18.60
C GLU B 57 -3.73 16.11 19.56
N HIS B 58 -3.82 15.37 20.67
CA HIS B 58 -2.73 15.26 21.64
C HIS B 58 -1.44 14.68 21.05
N LEU B 59 -1.58 13.70 20.14
CA LEU B 59 -0.43 13.10 19.44
C LEU B 59 0.03 13.91 18.20
N LYS B 60 -0.74 14.95 17.85
CA LYS B 60 -0.39 15.88 16.77
C LYS B 60 -0.33 15.18 15.41
N LEU B 61 -1.38 14.43 15.11
CA LEU B 61 -1.55 13.72 13.84
C LEU B 61 -2.51 14.50 12.94
N ARG B 62 -2.34 14.39 11.63
CA ARG B 62 -3.22 15.05 10.66
C ARG B 62 -4.62 14.46 10.71
N GLN B 63 -5.60 15.22 10.22
CA GLN B 63 -7.00 14.78 10.22
C GLN B 63 -7.23 13.49 9.43
N GLN B 64 -6.43 13.25 8.39
CA GLN B 64 -6.50 12.00 7.62
C GLN B 64 -6.26 10.75 8.47
N VAL B 65 -5.31 10.83 9.40
CA VAL B 65 -4.97 9.72 10.29
C VAL B 65 -6.10 9.47 11.31
N ILE B 66 -6.63 10.54 11.88
CA ILE B 66 -7.76 10.47 12.80
C ILE B 66 -9.01 9.87 12.10
N ALA B 67 -9.25 10.29 10.86
CA ALA B 67 -10.38 9.75 10.08
C ALA B 67 -10.25 8.25 9.83
N THR B 68 -9.09 7.81 9.35
CA THR B 68 -8.80 6.39 9.15
C THR B 68 -8.99 5.59 10.45
N ALA B 69 -8.49 6.12 11.57
CA ALA B 69 -8.66 5.49 12.89
C ALA B 69 -10.14 5.42 13.30
N THR B 70 -10.87 6.50 13.03
CA THR B 70 -12.32 6.54 13.28
C THR B 70 -13.08 5.48 12.45
N VAL B 71 -12.67 5.27 11.20
CA VAL B 71 -13.31 4.26 10.35
C VAL B 71 -13.02 2.83 10.85
N TYR B 72 -11.79 2.57 11.29
CA TYR B 72 -11.41 1.26 11.85
C TYR B 72 -12.28 0.90 13.05
N PHE B 73 -12.48 1.86 13.95
CA PHE B 73 -13.32 1.70 15.14
C PHE B 73 -14.76 1.33 14.76
N LYS B 74 -15.35 2.11 13.86
CA LYS B 74 -16.72 1.86 13.36
C LYS B 74 -16.87 0.48 12.73
N ARG B 75 -15.92 0.15 11.85
CA ARG B 75 -15.88 -1.17 11.21
C ARG B 75 -15.90 -2.30 12.22
N PHE B 76 -15.16 -2.13 13.31
CA PHE B 76 -15.08 -3.16 14.33
C PHE B 76 -16.43 -3.42 14.98
N TYR B 77 -17.01 -2.37 15.55
CA TYR B 77 -18.28 -2.47 16.26
C TYR B 77 -19.52 -2.53 15.33
N ALA B 78 -19.33 -2.33 14.04
CA ALA B 78 -20.35 -2.69 13.04
C ALA B 78 -20.65 -4.18 13.04
N ARG B 79 -19.61 -5.01 13.19
CA ARG B 79 -19.75 -6.47 13.21
C ARG B 79 -19.86 -7.09 14.61
N TYR B 80 -19.12 -6.56 15.60
CA TYR B 80 -19.13 -7.11 16.96
C TYR B 80 -19.79 -6.21 18.02
N SER B 81 -20.13 -6.83 19.14
CA SER B 81 -20.73 -6.13 20.28
C SER B 81 -19.71 -5.29 21.02
N LEU B 82 -20.21 -4.28 21.75
CA LEU B 82 -19.37 -3.43 22.61
C LEU B 82 -18.73 -4.23 23.76
N LYS B 83 -19.34 -5.34 24.17
CA LYS B 83 -18.77 -6.19 25.22
C LYS B 83 -17.56 -7.03 24.78
N SER B 84 -17.35 -7.20 23.47
CA SER B 84 -16.29 -8.09 22.95
C SER B 84 -14.88 -7.60 23.32
N ILE B 85 -14.57 -6.36 22.94
CA ILE B 85 -13.37 -5.64 23.39
C ILE B 85 -13.80 -4.28 23.95
N ASP B 86 -13.18 -3.87 25.05
CA ASP B 86 -13.49 -2.60 25.69
C ASP B 86 -13.15 -1.49 24.70
N PRO B 87 -14.13 -0.61 24.36
CA PRO B 87 -13.82 0.48 23.42
C PRO B 87 -12.79 1.52 23.91
N VAL B 88 -12.54 1.60 25.22
CA VAL B 88 -11.45 2.41 25.77
C VAL B 88 -10.09 1.85 25.33
N LEU B 89 -9.99 0.54 25.13
CA LEU B 89 -8.77 -0.07 24.57
C LEU B 89 -8.73 0.04 23.04
N MET B 90 -9.87 -0.23 22.39
CA MET B 90 -9.94 -0.19 20.92
C MET B 90 -9.59 1.18 20.33
N ALA B 91 -10.05 2.25 20.97
CA ALA B 91 -9.84 3.62 20.45
C ALA B 91 -8.37 4.01 20.24
N PRO B 92 -7.53 3.94 21.29
CA PRO B 92 -6.10 4.17 21.08
C PRO B 92 -5.40 3.14 20.16
N THR B 93 -5.87 1.90 20.12
CA THR B 93 -5.33 0.89 19.19
C THR B 93 -5.57 1.29 17.72
N CYS B 94 -6.73 1.89 17.44
CA CYS B 94 -7.05 2.34 16.08
C CYS B 94 -6.13 3.49 15.62
N VAL B 95 -5.86 4.45 16.52
CA VAL B 95 -4.93 5.56 16.23
C VAL B 95 -3.51 5.04 15.95
N PHE B 96 -3.07 4.13 16.80
CA PHE B 96 -1.77 3.46 16.68
C PHE B 96 -1.60 2.77 15.31
N LEU B 97 -2.62 2.01 14.89
CA LEU B 97 -2.57 1.28 13.61
C LEU B 97 -2.65 2.21 12.39
N ALA B 98 -3.57 3.17 12.45
CA ALA B 98 -3.76 4.13 11.36
C ALA B 98 -2.51 4.98 11.14
N SER B 99 -1.86 5.37 12.24
CA SER B 99 -0.60 6.11 12.19
C SER B 99 0.49 5.36 11.40
N LYS B 100 0.50 4.04 11.50
CA LYS B 100 1.41 3.20 10.71
C LYS B 100 1.02 3.17 9.23
N VAL B 101 -0.27 2.90 8.96
CA VAL B 101 -0.79 2.80 7.59
C VAL B 101 -0.58 4.09 6.80
N GLU B 102 -0.92 5.23 7.43
CA GLU B 102 -0.76 6.55 6.81
C GLU B 102 0.69 7.07 6.81
N GLU B 103 1.62 6.25 7.31
CA GLU B 103 3.07 6.43 7.17
C GLU B 103 3.60 7.66 7.94
N PHE B 104 2.99 7.92 9.09
CA PHE B 104 3.55 8.90 10.02
C PHE B 104 4.51 8.26 11.02
N GLY B 105 4.32 6.96 11.27
CA GLY B 105 5.32 6.13 11.97
C GLY B 105 4.75 5.38 13.15
N VAL B 106 5.62 4.68 13.88
CA VAL B 106 5.23 3.99 15.09
C VAL B 106 5.30 4.99 16.23
N VAL B 107 4.16 5.25 16.86
CA VAL B 107 4.11 6.06 18.07
C VAL B 107 4.75 5.24 19.18
N SER B 108 5.64 5.85 19.97
CA SER B 108 6.37 5.10 21.01
C SER B 108 5.42 4.63 22.11
N ASN B 109 5.88 3.65 22.89
CA ASN B 109 5.05 3.00 23.91
C ASN B 109 4.64 3.97 25.00
N THR B 110 5.64 4.66 25.56
CA THR B 110 5.41 5.66 26.61
C THR B 110 4.54 6.82 26.11
N ARG B 111 4.70 7.17 24.84
CA ARG B 111 3.98 8.32 24.26
C ARG B 111 2.52 8.01 23.96
N LEU B 112 2.25 6.80 23.45
CA LEU B 112 0.86 6.37 23.22
C LEU B 112 0.07 6.20 24.53
N ILE B 113 0.69 5.57 25.52
CA ILE B 113 0.03 5.28 26.80
C ILE B 113 -0.17 6.57 27.61
N ALA B 114 0.81 7.48 27.58
CA ALA B 114 0.68 8.78 28.25
C ALA B 114 -0.42 9.63 27.61
N ALA B 115 -0.57 9.51 26.29
CA ALA B 115 -1.63 10.21 25.56
C ALA B 115 -3.01 9.73 25.98
N ALA B 116 -3.21 8.42 25.95
CA ALA B 116 -4.46 7.80 26.43
C ALA B 116 -4.78 8.28 27.85
N THR B 117 -3.82 8.10 28.75
CA THR B 117 -3.92 8.52 30.15
C THR B 117 -4.25 10.01 30.28
N SER B 118 -3.47 10.84 29.59
CA SER B 118 -3.61 12.31 29.68
C SER B 118 -4.91 12.84 29.06
N VAL B 119 -5.41 12.18 28.01
CA VAL B 119 -6.67 12.59 27.37
C VAL B 119 -7.88 12.23 28.23
N LEU B 120 -7.92 11.01 28.76
CA LEU B 120 -9.04 10.59 29.62
C LEU B 120 -9.15 11.43 30.89
N LYS B 121 -8.00 11.77 31.50
CA LYS B 121 -8.00 12.52 32.77
C LYS B 121 -8.47 13.96 32.59
N THR B 122 -7.86 14.69 31.64
CA THR B 122 -8.06 16.14 31.53
C THR B 122 -9.29 16.54 30.69
N ARG B 123 -9.61 15.76 29.66
CA ARG B 123 -10.71 16.07 28.74
C ARG B 123 -11.98 15.21 28.88
N PHE B 124 -11.91 14.11 29.63
CA PHE B 124 -13.04 13.18 29.78
C PHE B 124 -13.24 12.66 31.22
N SER B 125 -12.85 13.46 32.24
CA SER B 125 -12.99 13.02 33.64
C SER B 125 -14.44 12.91 34.12
N TYR B 126 -15.34 13.62 33.45
CA TYR B 126 -16.80 13.50 33.67
C TYR B 126 -17.36 12.11 33.36
N ALA B 127 -16.74 11.43 32.39
CA ALA B 127 -17.13 10.09 31.96
C ALA B 127 -16.31 8.97 32.64
N PHE B 128 -15.05 9.27 32.94
CA PHE B 128 -14.10 8.29 33.47
C PHE B 128 -13.49 8.76 34.79
N PRO B 129 -13.96 8.22 35.93
CA PRO B 129 -13.32 8.56 37.20
C PRO B 129 -11.97 7.85 37.38
N LYS B 130 -11.88 6.58 37.00
CA LYS B 130 -10.65 5.78 37.12
C LYS B 130 -9.66 6.11 36.00
N GLU B 131 -8.37 6.00 36.32
CA GLU B 131 -7.26 6.25 35.39
C GLU B 131 -7.21 5.18 34.30
N PHE B 132 -6.63 5.52 33.15
CA PHE B 132 -6.48 4.59 32.01
C PHE B 132 -5.73 3.31 32.45
N PRO B 133 -6.42 2.15 32.47
CA PRO B 133 -5.86 0.94 33.08
C PRO B 133 -4.97 0.05 32.20
N TYR B 134 -4.92 0.31 30.88
CA TYR B 134 -4.22 -0.59 29.93
C TYR B 134 -2.77 -0.18 29.67
N ARG B 135 -1.90 -1.18 29.57
CA ARG B 135 -0.49 -1.01 29.18
C ARG B 135 -0.32 -1.46 27.71
N MET B 136 0.91 -1.35 27.21
CA MET B 136 1.19 -1.54 25.78
C MET B 136 0.98 -2.97 25.28
N ASN B 137 1.19 -3.98 26.13
CA ASN B 137 0.91 -5.37 25.75
C ASN B 137 -0.56 -5.60 25.36
N HIS B 138 -1.47 -4.86 26.03
CA HIS B 138 -2.90 -4.92 25.71
C HIS B 138 -3.22 -4.30 24.34
N ILE B 139 -2.50 -3.23 24.00
CA ILE B 139 -2.62 -2.55 22.70
C ILE B 139 -2.15 -3.49 21.57
N LEU B 140 -0.97 -4.09 21.74
CA LEU B 140 -0.42 -5.00 20.73
C LEU B 140 -1.32 -6.22 20.47
N GLU B 141 -1.91 -6.75 21.55
CA GLU B 141 -2.90 -7.83 21.45
C GLU B 141 -4.15 -7.37 20.70
N CYS B 142 -4.73 -6.26 21.14
CA CYS B 142 -5.93 -5.70 20.50
C CYS B 142 -5.73 -5.37 19.02
N GLU B 143 -4.51 -4.95 18.66
CA GLU B 143 -4.14 -4.63 17.27
C GLU B 143 -4.28 -5.86 16.36
N PHE B 144 -3.95 -7.04 16.87
CA PHE B 144 -4.11 -8.31 16.12
C PHE B 144 -5.58 -8.64 15.87
N TYR B 145 -6.43 -8.45 16.88
CA TYR B 145 -7.88 -8.70 16.73
C TYR B 145 -8.53 -7.73 15.73
N LEU B 146 -8.06 -6.48 15.74
CA LEU B 146 -8.57 -5.43 14.86
C LEU B 146 -8.20 -5.68 13.40
N LEU B 147 -6.95 -6.08 13.17
CA LEU B 147 -6.47 -6.39 11.83
C LEU B 147 -7.19 -7.60 11.20
N GLU B 148 -7.52 -8.59 12.03
CA GLU B 148 -8.23 -9.79 11.57
C GLU B 148 -9.63 -9.46 11.11
N LEU B 149 -10.41 -8.80 11.98
CA LEU B 149 -11.80 -8.46 11.63
C LEU B 149 -11.91 -7.61 10.39
N MET B 150 -11.03 -6.61 10.26
CA MET B 150 -11.00 -5.78 9.05
C MET B 150 -10.52 -6.51 7.80
N ASP B 151 -10.18 -7.80 7.92
CA ASP B 151 -9.74 -8.65 6.83
C ASP B 151 -8.50 -8.05 6.15
N CYS B 152 -7.63 -7.44 6.95
CA CYS B 152 -6.46 -6.72 6.49
C CYS B 152 -6.71 -5.61 5.45
N CYS B 153 -7.92 -5.05 5.47
CA CYS B 153 -8.27 -3.91 4.60
C CYS B 153 -7.90 -2.64 5.34
N LEU B 154 -6.75 -2.07 4.98
CA LEU B 154 -6.17 -0.96 5.72
C LEU B 154 -6.32 0.41 5.05
N ILE B 155 -6.34 0.43 3.72
CA ILE B 155 -6.42 1.69 2.98
C ILE B 155 -7.87 2.15 2.93
N VAL B 156 -8.09 3.41 3.35
CA VAL B 156 -9.42 3.98 3.50
C VAL B 156 -9.49 5.34 2.80
N TYR B 157 -10.56 5.53 2.02
CA TYR B 157 -10.84 6.75 1.27
C TYR B 157 -11.81 7.60 2.07
N HIS B 158 -11.54 8.90 2.14
CA HIS B 158 -12.35 9.85 2.91
C HIS B 158 -12.89 10.96 1.97
N PRO B 159 -13.93 11.70 2.43
CA PRO B 159 -14.53 12.74 1.56
C PRO B 159 -13.71 14.02 1.32
N TYR B 160 -12.63 14.25 2.06
CA TYR B 160 -11.87 15.51 2.00
C TYR B 160 -11.23 15.77 0.63
N ARG B 161 -10.70 14.72 0.01
CA ARG B 161 -10.07 14.84 -1.31
C ARG B 161 -11.07 15.20 -2.42
N PRO B 162 -12.16 14.41 -2.59
CA PRO B 162 -13.18 14.85 -3.57
C PRO B 162 -13.84 16.21 -3.27
N LEU B 163 -14.03 16.54 -1.99
CA LEU B 163 -14.57 17.86 -1.60
C LEU B 163 -13.67 19.00 -2.09
N LEU B 164 -12.37 18.81 -1.91
CA LEU B 164 -11.39 19.80 -2.32
C LEU B 164 -11.41 19.98 -3.84
N GLN B 165 -11.58 18.89 -4.58
CA GLN B 165 -11.71 18.96 -6.05
C GLN B 165 -13.01 19.63 -6.51
N TYR B 166 -14.13 19.38 -5.83
CA TYR B 166 -15.41 20.01 -6.16
C TYR B 166 -15.42 21.53 -5.95
N VAL B 167 -14.89 21.99 -4.81
CA VAL B 167 -14.83 23.44 -4.53
C VAL B 167 -13.88 24.21 -5.45
N GLN B 168 -12.81 23.54 -5.91
CA GLN B 168 -11.91 24.10 -6.94
C GLN B 168 -12.61 24.25 -8.30
N ASP B 169 -13.45 23.28 -8.66
CA ASP B 169 -14.26 23.35 -9.89
C ASP B 169 -15.28 24.51 -9.84
N MET B 170 -15.97 24.64 -8.72
CA MET B 170 -16.83 25.82 -8.45
C MET B 170 -16.07 27.14 -8.50
N GLY B 171 -14.79 27.12 -8.11
CA GLY B 171 -13.99 28.32 -7.96
C GLY B 171 -14.42 29.12 -6.73
N GLN B 172 -14.88 28.41 -5.70
CA GLN B 172 -15.36 29.02 -4.47
C GLN B 172 -14.63 28.40 -3.27
N GLU B 173 -13.32 28.19 -3.43
CA GLU B 173 -12.49 27.50 -2.43
C GLU B 173 -12.44 28.26 -1.10
N ASP B 174 -12.16 29.55 -1.18
CA ASP B 174 -12.02 30.39 0.03
C ASP B 174 -13.35 30.56 0.79
N MET B 175 -14.45 30.68 0.06
CA MET B 175 -15.78 30.88 0.67
C MET B 175 -16.32 29.62 1.35
N LEU B 176 -16.38 28.51 0.62
CA LEU B 176 -17.10 27.30 1.04
C LEU B 176 -16.27 26.23 1.75
N LEU B 177 -14.98 26.14 1.44
CA LEU B 177 -14.15 25.02 1.93
C LEU B 177 -14.09 24.93 3.46
N PRO B 178 -13.86 26.07 4.16
CA PRO B 178 -13.77 25.96 5.62
C PRO B 178 -15.00 25.31 6.25
N LEU B 179 -16.19 25.77 5.88
CA LEU B 179 -17.43 25.24 6.47
C LEU B 179 -17.72 23.81 6.02
N ALA B 180 -17.59 23.56 4.72
CA ALA B 180 -17.78 22.20 4.19
C ALA B 180 -16.83 21.18 4.84
N TRP B 181 -15.61 21.62 5.13
CA TRP B 181 -14.61 20.77 5.80
C TRP B 181 -15.09 20.35 7.20
N ARG B 182 -15.59 21.30 8.00
CA ARG B 182 -16.07 20.97 9.35
C ARG B 182 -17.28 20.02 9.31
N ILE B 183 -18.16 20.21 8.32
CA ILE B 183 -19.33 19.36 8.16
C ILE B 183 -18.89 17.92 7.83
N VAL B 184 -17.87 17.75 6.99
CA VAL B 184 -17.30 16.42 6.75
C VAL B 184 -16.76 15.81 8.07
N ASN B 185 -16.05 16.61 8.88
CA ASN B 185 -15.64 16.15 10.22
C ASN B 185 -16.86 15.63 11.01
N ASP B 186 -17.93 16.42 11.01
CA ASP B 186 -19.15 16.10 11.78
C ASP B 186 -19.86 14.83 11.33
N THR B 187 -19.75 14.46 10.05
CA THR B 187 -20.38 13.22 9.56
C THR B 187 -19.81 11.98 10.22
N TYR B 188 -18.56 12.02 10.68
CA TYR B 188 -17.97 10.87 11.39
C TYR B 188 -18.64 10.55 12.74
N ARG B 189 -19.51 11.44 13.22
CA ARG B 189 -20.43 11.12 14.31
C ARG B 189 -21.57 10.16 13.91
N THR B 190 -21.70 9.83 12.62
CA THR B 190 -22.77 8.96 12.11
C THR B 190 -22.21 7.69 11.43
N ASP B 191 -23.10 6.86 10.88
CA ASP B 191 -22.71 5.65 10.10
C ASP B 191 -22.43 5.94 8.62
N LEU B 192 -22.50 7.19 8.18
CA LEU B 192 -22.45 7.51 6.75
C LEU B 192 -21.23 6.95 5.98
N CYS B 193 -20.06 6.92 6.62
CA CYS B 193 -18.85 6.40 5.97
C CYS B 193 -18.91 4.88 5.71
N LEU B 194 -19.73 4.17 6.47
CA LEU B 194 -20.02 2.73 6.23
C LEU B 194 -21.09 2.46 5.17
N LEU B 195 -21.90 3.48 4.83
CA LEU B 195 -23.08 3.29 3.96
C LEU B 195 -22.98 3.90 2.56
N TYR B 196 -22.21 4.97 2.40
CA TYR B 196 -22.10 5.69 1.13
C TYR B 196 -20.66 5.95 0.71
N PRO B 197 -20.36 5.93 -0.60
CA PRO B 197 -19.02 6.29 -1.09
C PRO B 197 -18.60 7.72 -0.68
N PRO B 198 -17.29 7.95 -0.44
CA PRO B 198 -16.80 9.26 0.01
C PRO B 198 -17.21 10.48 -0.84
N PHE B 199 -17.22 10.33 -2.17
CA PHE B 199 -17.59 11.47 -3.04
C PHE B 199 -19.06 11.92 -2.84
N MET B 200 -19.95 10.98 -2.53
CA MET B 200 -21.36 11.30 -2.27
C MET B 200 -21.56 12.07 -0.97
N ILE B 201 -20.78 11.70 0.05
CA ILE B 201 -20.79 12.40 1.34
C ILE B 201 -20.24 13.81 1.15
N ALA B 202 -19.18 13.94 0.36
CA ALA B 202 -18.56 15.23 0.07
C ALA B 202 -19.56 16.20 -0.57
N LEU B 203 -20.30 15.74 -1.57
CA LEU B 203 -21.33 16.56 -2.25
C LEU B 203 -22.42 17.02 -1.29
N ALA B 204 -22.88 16.11 -0.44
CA ALA B 204 -23.89 16.40 0.59
C ALA B 204 -23.43 17.47 1.59
N CYS B 205 -22.16 17.37 2.03
CA CYS B 205 -21.55 18.38 2.91
C CYS B 205 -21.38 19.72 2.22
N LEU B 206 -21.00 19.68 0.95
CA LEU B 206 -20.87 20.89 0.14
C LEU B 206 -22.23 21.55 -0.07
N HIS B 207 -23.28 20.75 -0.26
CA HIS B 207 -24.63 21.25 -0.43
C HIS B 207 -25.14 22.00 0.81
N VAL B 208 -24.92 21.43 2.00
CA VAL B 208 -25.37 22.05 3.25
C VAL B 208 -24.60 23.35 3.51
N ALA B 209 -23.31 23.36 3.16
CA ALA B 209 -22.49 24.57 3.28
C ALA B 209 -23.01 25.72 2.40
N CYS B 210 -23.47 25.37 1.20
CA CYS B 210 -24.12 26.33 0.29
C CYS B 210 -25.41 26.92 0.84
N VAL B 211 -26.23 26.07 1.47
CA VAL B 211 -27.50 26.51 2.07
C VAL B 211 -27.24 27.42 3.27
N VAL B 212 -26.35 26.97 4.16
CA VAL B 212 -25.97 27.74 5.35
C VAL B 212 -25.42 29.12 4.97
N GLN B 213 -24.47 29.15 4.04
CA GLN B 213 -23.87 30.43 3.58
C GLN B 213 -24.68 31.16 2.48
N GLN B 214 -25.77 30.55 2.04
CA GLN B 214 -26.74 31.17 1.11
C GLN B 214 -26.11 31.53 -0.25
N LYS B 215 -25.41 30.56 -0.83
CA LYS B 215 -24.83 30.66 -2.17
C LYS B 215 -25.56 29.69 -3.10
N ASP B 216 -26.18 30.23 -4.16
CA ASP B 216 -26.92 29.43 -5.12
C ASP B 216 -25.95 28.60 -5.97
N ALA B 217 -26.09 27.28 -5.89
CA ALA B 217 -25.33 26.35 -6.72
C ALA B 217 -26.25 25.33 -7.42
N ARG B 218 -27.54 25.64 -7.52
CA ARG B 218 -28.54 24.73 -8.12
C ARG B 218 -28.10 24.22 -9.50
N GLN B 219 -27.61 25.12 -10.34
CA GLN B 219 -27.18 24.76 -11.69
C GLN B 219 -25.92 23.91 -11.72
N TRP B 220 -24.99 24.19 -10.81
CA TRP B 220 -23.78 23.38 -10.66
C TRP B 220 -24.11 21.93 -10.31
N PHE B 221 -24.97 21.74 -9.31
CA PHE B 221 -25.40 20.41 -8.85
C PHE B 221 -26.20 19.65 -9.92
N ALA B 222 -27.10 20.36 -10.61
CA ALA B 222 -27.89 19.78 -11.71
C ALA B 222 -27.04 19.31 -12.88
N GLU B 223 -25.94 20.02 -13.16
CA GLU B 223 -24.97 19.61 -14.20
C GLU B 223 -24.21 18.30 -13.89
N LEU B 224 -24.18 17.86 -12.63
CA LEU B 224 -23.52 16.60 -12.26
C LEU B 224 -24.33 15.39 -12.73
N SER B 225 -23.64 14.31 -13.09
CA SER B 225 -24.27 13.02 -13.35
C SER B 225 -24.09 12.15 -12.10
N VAL B 226 -25.07 12.21 -11.21
CA VAL B 226 -25.05 11.48 -9.93
C VAL B 226 -26.49 11.24 -9.46
N ASP B 227 -26.70 10.16 -8.70
CA ASP B 227 -28.03 9.84 -8.14
C ASP B 227 -28.35 10.87 -7.04
N MET B 228 -29.11 11.90 -7.42
CA MET B 228 -29.42 13.01 -6.52
C MET B 228 -30.32 12.62 -5.34
N GLU B 229 -31.09 11.54 -5.49
CA GLU B 229 -31.91 10.98 -4.41
C GLU B 229 -31.06 10.44 -3.26
N LYS B 230 -29.93 9.81 -3.59
CA LYS B 230 -28.97 9.35 -2.57
C LYS B 230 -28.28 10.51 -1.86
N ILE B 231 -28.03 11.61 -2.58
CA ILE B 231 -27.44 12.81 -1.98
C ILE B 231 -28.41 13.45 -0.96
N LEU B 232 -29.71 13.40 -1.27
CA LEU B 232 -30.74 13.86 -0.34
C LEU B 232 -30.84 13.00 0.93
N GLU B 233 -30.69 11.67 0.78
CA GLU B 233 -30.60 10.77 1.94
C GLU B 233 -29.51 11.20 2.91
N ILE B 234 -28.33 11.53 2.37
CA ILE B 234 -27.18 11.93 3.18
C ILE B 234 -27.43 13.26 3.91
N ILE B 235 -28.03 14.22 3.20
CA ILE B 235 -28.35 15.54 3.75
C ILE B 235 -29.29 15.44 4.96
N ARG B 236 -30.32 14.58 4.88
CA ARG B 236 -31.27 14.38 5.99
C ARG B 236 -30.59 13.89 7.26
N VAL B 237 -29.61 13.00 7.10
CA VAL B 237 -28.79 12.50 8.22
C VAL B 237 -27.94 13.63 8.84
N ILE B 238 -27.36 14.48 7.99
CA ILE B 238 -26.57 15.64 8.44
C ILE B 238 -27.43 16.65 9.18
N LEU B 239 -28.62 16.94 8.66
CA LEU B 239 -29.55 17.85 9.34
C LEU B 239 -30.10 17.24 10.63
N LYS B 240 -30.37 15.93 10.62
CA LYS B 240 -30.78 15.22 11.83
C LYS B 240 -29.66 15.23 12.87
N LEU B 241 -28.41 15.05 12.41
CA LEU B 241 -27.22 15.09 13.27
C LEU B 241 -27.10 16.39 14.09
N TYR B 242 -27.41 17.55 13.50
CA TYR B 242 -27.36 18.82 14.24
C TYR B 242 -28.48 19.02 15.26
N GLU B 243 -29.63 18.38 15.02
CA GLU B 243 -30.71 18.35 16.03
C GLU B 243 -30.36 17.40 17.19
N GLN B 244 -29.75 16.26 16.87
CA GLN B 244 -29.18 15.36 17.89
C GLN B 244 -28.16 16.14 18.77
N TRP B 245 -27.26 16.87 18.12
CA TRP B 245 -26.20 17.68 18.78
C TRP B 245 -26.76 18.68 19.80
N LYS B 246 -27.74 19.46 19.36
CA LYS B 246 -28.48 20.42 20.19
C LYS B 246 -29.01 19.77 21.48
N ASN B 247 -29.70 18.64 21.33
CA ASN B 247 -30.41 17.98 22.45
C ASN B 247 -29.57 17.04 23.31
N PHE B 248 -28.34 16.77 22.89
CA PHE B 248 -27.45 15.85 23.59
C PHE B 248 -26.51 16.65 24.49
N ASP B 249 -26.69 16.52 25.81
CA ASP B 249 -25.70 17.02 26.78
C ASP B 249 -24.74 15.87 27.12
N GLU B 250 -23.68 15.75 26.33
CA GLU B 250 -22.65 14.72 26.48
C GLU B 250 -22.13 14.60 27.92
N ARG B 251 -21.83 15.75 28.53
CA ARG B 251 -21.13 15.77 29.81
C ARG B 251 -22.01 15.35 31.02
N LYS B 252 -23.33 15.53 30.93
CA LYS B 252 -24.26 15.06 31.96
C LYS B 252 -24.65 13.59 31.82
N GLU B 253 -24.72 13.09 30.59
CA GLU B 253 -25.34 11.79 30.28
C GLU B 253 -24.39 10.59 30.21
N MET B 254 -23.15 10.81 29.78
CA MET B 254 -22.27 9.72 29.34
C MET B 254 -21.82 8.74 30.44
N ALA B 255 -21.68 9.20 31.67
CA ALA B 255 -21.31 8.29 32.78
C ALA B 255 -22.39 7.23 33.00
N THR B 256 -23.66 7.63 32.89
CA THR B 256 -24.79 6.71 33.02
C THR B 256 -24.92 5.76 31.82
N ILE B 257 -24.61 6.26 30.62
CA ILE B 257 -24.69 5.45 29.40
C ILE B 257 -23.57 4.42 29.34
N LEU B 258 -22.34 4.84 29.69
CA LEU B 258 -21.20 3.92 29.70
C LEU B 258 -21.41 2.74 30.66
N SER B 259 -22.03 2.99 31.81
CA SER B 259 -22.34 1.94 32.78
C SER B 259 -23.46 0.98 32.31
N LYS B 260 -24.28 1.41 31.37
CA LYS B 260 -25.31 0.56 30.73
C LYS B 260 -24.78 -0.32 29.60
N MET B 261 -23.55 -0.10 29.12
CA MET B 261 -22.93 -0.96 28.09
C MET B 261 -22.88 -2.39 28.59
N PRO B 262 -23.04 -3.38 27.69
CA PRO B 262 -22.91 -4.77 28.13
C PRO B 262 -21.49 -5.06 28.61
N LYS B 263 -21.37 -5.76 29.73
CA LYS B 263 -20.09 -6.05 30.36
C LYS B 263 -19.54 -7.39 29.82
N PRO B 264 -18.20 -7.47 29.57
CA PRO B 264 -17.54 -8.73 29.22
C PRO B 264 -17.78 -9.90 30.19
N LYS B 265 -17.95 -11.11 29.64
CA LYS B 265 -17.89 -12.33 30.44
C LYS B 265 -16.41 -12.63 30.70
N PRO B 266 -16.01 -12.72 31.99
CA PRO B 266 -14.63 -13.12 32.28
C PRO B 266 -14.48 -14.65 32.22
N PRO B 267 -13.24 -15.16 32.21
CA PRO B 267 -12.99 -16.61 32.33
C PRO B 267 -13.58 -17.26 33.61
N PRO B 268 -13.95 -18.56 33.56
CA PRO B 268 -14.63 -19.23 34.68
C PRO B 268 -13.86 -19.31 36.01
N ASN B 269 -12.56 -19.62 35.93
CA ASN B 269 -11.63 -19.61 37.10
C ASN B 269 -12.04 -20.51 38.26
O20 0SV C . 6.67 -9.57 -3.47
C18 0SV C . 6.67 -9.39 -2.26
N19 0SV C . 6.97 -10.46 -1.41
C21 0SV C . 7.32 -11.82 -1.84
C22 0SV C . 6.40 -12.52 -2.83
C23 0SV C . 6.81 -14.00 -2.88
C24 0SV C . 6.42 -14.65 -4.21
C25 0SV C . 7.31 -15.87 -4.47
O26 0SV C . 6.63 -16.75 -5.34
N17 0SV C . 6.32 -8.17 -1.71
C1 0SV C . 6.06 -6.95 -2.41
N5 0SV C . 6.26 -5.71 -1.91
N4 0SV C . 6.06 -4.83 -2.77
C3 0SV C . 5.69 -5.40 -3.93
C12 0SV C . 5.31 -4.66 -5.21
C15 0SV C . 3.79 -4.80 -5.41
C14 0SV C . 6.05 -5.34 -6.41
C13 0SV C . 5.68 -3.16 -5.13
C2 0SV C . 5.68 -6.77 -3.74
C6 0SV C . 6.71 -5.34 -0.56
C11 0SV C . 7.81 -5.98 -0.01
C9 0SV C . 8.26 -5.64 1.27
C7 0SV C . 7.64 -4.63 1.96
C16 0SV C . 8.16 -4.27 3.33
C8 0SV C . 6.55 -3.96 1.39
C10 0SV C . 6.09 -4.31 0.13
C1 EDO D . -8.96 -6.77 -4.15
O1 EDO D . -8.25 -6.02 -5.13
C2 EDO D . -9.59 -5.79 -3.15
O2 EDO D . -10.67 -6.39 -2.42
C1 EDO E . -5.59 6.67 -1.05
O1 EDO E . -4.47 7.41 -1.54
C2 EDO E . -5.47 6.59 0.47
O2 EDO E . -6.76 6.66 1.09
#